data_6UMB
#
_entry.id   6UMB
#
_cell.length_a   62.360
_cell.length_b   67.440
_cell.length_c   85.690
_cell.angle_alpha   90.000
_cell.angle_beta   90.000
_cell.angle_gamma   90.000
#
_symmetry.space_group_name_H-M   'P 21 21 21'
#
loop_
_entity.id
_entity.type
_entity.pdbx_description
1 polymer 'E3 ubiquitin-protein ligase TRIM7'
2 polymer 'E3 ubiquitin-protein ligase TRIM7'
3 non-polymer 'MALONATE ION'
4 non-polymer BETA-MERCAPTOETHANOL
5 water water
#
loop_
_entity_poly.entity_id
_entity_poly.type
_entity_poly.pdbx_seq_one_letter_code
_entity_poly.pdbx_strand_id
1 'polypeptide(L)'
;SHMKEEKVELTLDPDTANPRLILSLDLKGVRLGERAQDLPNHP(CME)RFDTNTRVLAS(CME)GFSSGRHHWEVEVGSK
DGWAFGVARESVRRKGLTPFTPEEGVWALQLNGGQYWAVTSPERSPLSCGHLSRVRVALDLEVGAVSFYAVEDMRHLYTF
RVNFQERVFPLFSV(CME)STGTYLRIWP
;
A
2 'polypeptide(L)'
;SHMKEEKVELTLDPDTANPRLILSLDLKGVRLGERAQDLPNHP(CME)RFDTNTRVLASCGFSSGRHHWEVEVGSKDGWA
FGVARESVRRKGLTPFTPEEGVWALQLNGGQYWAVTSPERSPLSCGHLSRVRVALDLEVGAVSFYAVEDMRHLYTFRVNF
QERVFPLFSV(CME)STGTYLRIWP
;
B
#
loop_
_chem_comp.id
_chem_comp.type
_chem_comp.name
_chem_comp.formula
BME non-polymer BETA-MERCAPTOETHANOL 'C2 H6 O S'
MLI non-polymer 'MALONATE ION' 'C3 H2 O4 -2'
#
# COMPACT_ATOMS: atom_id res chain seq x y z
N GLU A 5 -31.27 5.10 -12.47
CA GLU A 5 -31.40 3.65 -12.69
C GLU A 5 -30.34 2.95 -11.83
N GLU A 6 -30.79 1.99 -11.00
CA GLU A 6 -29.98 1.11 -10.12
C GLU A 6 -29.17 1.93 -9.08
N LYS A 7 -29.80 2.05 -7.90
CA LYS A 7 -29.14 2.33 -6.61
C LYS A 7 -27.88 1.46 -6.56
N VAL A 8 -26.73 2.01 -6.15
CA VAL A 8 -25.52 1.16 -5.97
C VAL A 8 -25.11 1.23 -4.49
N GLU A 9 -24.55 0.13 -3.98
CA GLU A 9 -24.02 0.02 -2.58
C GLU A 9 -22.50 0.25 -2.58
N LEU A 10 -22.08 1.43 -2.16
CA LEU A 10 -20.66 1.84 -2.32
C LEU A 10 -19.97 1.73 -0.95
N THR A 11 -18.70 1.39 -0.98
CA THR A 11 -17.79 1.55 0.16
C THR A 11 -16.56 2.35 -0.29
N LEU A 12 -16.10 3.19 0.62
CA LEU A 12 -14.81 3.91 0.40
C LEU A 12 -13.70 2.87 0.27
N ASP A 13 -12.73 3.20 -0.59
CA ASP A 13 -11.56 2.35 -0.89
C ASP A 13 -10.43 2.80 0.01
N PRO A 14 -10.05 2.04 1.06
CA PRO A 14 -9.05 2.52 2.02
C PRO A 14 -7.62 2.61 1.44
N ASP A 15 -7.34 1.92 0.34
CA ASP A 15 -6.05 2.04 -0.38
C ASP A 15 -5.95 3.39 -1.08
N THR A 16 -7.04 4.14 -1.27
CA THR A 16 -6.95 5.45 -1.95
C THR A 16 -6.84 6.60 -0.95
N ALA A 17 -7.34 6.42 0.29
CA ALA A 17 -7.58 7.53 1.24
C ALA A 17 -6.27 8.25 1.57
N ASN A 18 -6.28 9.57 1.44
CA ASN A 18 -5.18 10.41 1.91
C ASN A 18 -5.01 10.14 3.41
N PRO A 19 -3.77 10.02 3.89
CA PRO A 19 -3.51 9.72 5.32
C PRO A 19 -4.00 10.71 6.39
N ARG A 20 -4.37 11.92 6.02
CA ARG A 20 -4.99 12.89 6.97
C ARG A 20 -6.48 12.60 7.15
N LEU A 21 -7.11 11.85 6.26
CA LEU A 21 -8.57 11.58 6.42
C LEU A 21 -8.75 10.59 7.56
N ILE A 22 -9.91 10.68 8.19
CA ILE A 22 -10.41 9.61 9.08
C ILE A 22 -11.59 8.92 8.38
N LEU A 23 -11.44 7.64 8.05
CA LEU A 23 -12.57 6.85 7.50
C LEU A 23 -13.34 6.20 8.65
N SER A 24 -14.62 5.93 8.45
CA SER A 24 -15.37 5.02 9.36
C SER A 24 -14.97 3.56 9.10
N LEU A 25 -15.09 2.71 10.12
CA LEU A 25 -14.76 1.28 9.96
C LEU A 25 -15.69 0.61 8.95
N ASP A 26 -16.91 1.10 8.76
CA ASP A 26 -17.85 0.49 7.79
C ASP A 26 -17.59 1.07 6.39
N LEU A 27 -16.59 1.95 6.28
CA LEU A 27 -16.15 2.49 4.96
C LEU A 27 -17.29 3.26 4.30
N LYS A 28 -18.08 4.01 5.08
CA LYS A 28 -19.12 4.89 4.50
C LYS A 28 -18.80 6.36 4.77
N GLY A 29 -18.15 6.66 5.89
CA GLY A 29 -17.96 8.04 6.37
C GLY A 29 -16.52 8.49 6.24
N VAL A 30 -16.33 9.80 6.06
CA VAL A 30 -14.99 10.42 5.93
C VAL A 30 -15.03 11.84 6.49
N ARG A 31 -14.02 12.17 7.28
CA ARG A 31 -13.75 13.53 7.77
C ARG A 31 -12.24 13.71 7.68
N LEU A 32 -11.80 14.93 7.89
CA LEU A 32 -10.36 15.25 7.97
C LEU A 32 -9.93 15.18 9.44
N GLY A 33 -8.84 14.46 9.71
CA GLY A 33 -8.20 14.39 11.05
C GLY A 33 -7.20 15.50 11.27
N GLU A 34 -6.62 15.59 12.46
CA GLU A 34 -5.67 16.69 12.81
C GLU A 34 -4.26 16.36 12.34
N ARG A 35 -3.97 15.09 12.09
CA ARG A 35 -2.59 14.63 11.80
C ARG A 35 -2.65 13.53 10.74
N ALA A 36 -1.56 13.36 9.99
CA ALA A 36 -1.43 12.29 8.98
C ALA A 36 -1.32 10.99 9.78
N GLN A 37 -2.09 9.96 9.43
CA GLN A 37 -1.88 8.60 9.96
C GLN A 37 -0.69 7.99 9.23
N ASP A 38 -0.02 7.01 9.84
CA ASP A 38 1.11 6.26 9.23
C ASP A 38 0.56 5.13 8.35
N LEU A 39 -0.21 5.44 7.29
CA LEU A 39 -0.81 4.37 6.44
C LEU A 39 0.27 3.82 5.51
N PRO A 40 0.16 2.56 5.08
CA PRO A 40 1.00 2.08 3.97
C PRO A 40 0.85 2.93 2.70
N ASN A 41 1.94 3.14 1.97
CA ASN A 41 2.09 4.04 0.79
C ASN A 41 1.58 3.41 -0.53
N HIS A 42 0.32 2.97 -0.60
CA HIS A 42 -0.18 2.27 -1.82
C HIS A 42 -0.08 3.15 -3.06
N PRO A 43 0.24 2.62 -4.27
CA PRO A 43 0.32 3.45 -5.46
C PRO A 43 -0.96 4.20 -5.82
N CME A 44 -2.11 3.69 -5.34
CA CME A 44 -3.40 4.31 -5.63
CB CME A 44 -4.51 3.30 -5.72
SG CME A 44 -4.25 1.99 -6.98
SD CME A 44 -3.86 3.02 -8.67
CE CME A 44 -5.42 2.85 -9.59
CZ CME A 44 -5.36 1.50 -10.37
OH CME A 44 -5.23 1.61 -11.81
C CME A 44 -3.74 5.39 -4.61
O CME A 44 -4.79 6.03 -4.77
N ARG A 45 -2.95 5.55 -3.55
CA ARG A 45 -3.31 6.46 -2.47
C ARG A 45 -3.00 7.91 -2.87
N PHE A 46 -3.93 8.83 -2.64
CA PHE A 46 -3.72 10.28 -2.73
C PHE A 46 -2.72 10.70 -1.64
N ASP A 47 -1.46 10.97 -2.00
CA ASP A 47 -0.42 11.21 -0.96
C ASP A 47 -0.51 12.64 -0.43
N THR A 48 -1.21 13.52 -1.13
CA THR A 48 -1.22 14.96 -0.83
C THR A 48 -2.64 15.52 -0.77
N ASN A 49 -3.47 15.28 -1.78
CA ASN A 49 -4.84 15.86 -1.82
C ASN A 49 -5.73 15.05 -0.89
N THR A 50 -6.70 15.71 -0.24
CA THR A 50 -7.54 15.17 0.85
C THR A 50 -8.67 14.33 0.27
N ARG A 51 -8.34 13.31 -0.56
CA ARG A 51 -9.32 12.61 -1.39
C ARG A 51 -9.37 11.12 -1.03
N VAL A 52 -10.51 10.52 -1.30
CA VAL A 52 -10.70 9.06 -1.27
C VAL A 52 -11.70 8.74 -2.38
N LEU A 53 -11.58 7.60 -3.03
CA LEU A 53 -12.56 7.09 -3.99
C LEU A 53 -13.35 5.97 -3.33
N ALA A 54 -14.48 5.65 -3.92
CA ALA A 54 -15.14 4.35 -3.63
C ALA A 54 -14.35 3.23 -4.29
N SER A 55 -14.55 1.98 -3.87
CA SER A 55 -13.82 0.82 -4.45
C SER A 55 -14.39 0.43 -5.82
N CME A 56 -15.60 0.91 -6.15
CA CME A 56 -16.29 0.50 -7.36
CA CME A 56 -16.32 0.52 -7.35
CB CME A 56 -17.76 0.23 -7.07
CB CME A 56 -17.79 0.31 -7.04
SG CME A 56 -18.22 -1.40 -6.40
SG CME A 56 -18.86 0.07 -8.48
SD CME A 56 -16.53 -2.52 -6.31
SD CME A 56 -18.74 -1.91 -8.83
CE CME A 56 -16.70 -3.68 -7.69
CE CME A 56 -18.40 -2.03 -10.61
CZ CME A 56 -16.27 -5.07 -7.34
CZ CME A 56 -19.39 -1.27 -11.43
OH CME A 56 -15.28 -5.02 -6.34
OH CME A 56 -19.96 -2.05 -12.46
C CME A 56 -16.11 1.58 -8.43
O CME A 56 -16.38 2.74 -8.18
N GLY A 57 -15.64 1.18 -9.62
CA GLY A 57 -15.59 2.10 -10.76
C GLY A 57 -16.54 1.67 -11.88
N PHE A 58 -17.16 2.61 -12.59
CA PHE A 58 -18.25 2.28 -13.55
C PHE A 58 -17.74 2.46 -14.96
N SER A 59 -18.06 1.52 -15.86
CA SER A 59 -17.60 1.56 -17.28
C SER A 59 -18.77 1.89 -18.22
N SER A 60 -19.98 1.57 -17.81
CA SER A 60 -21.18 1.82 -18.64
C SER A 60 -22.39 1.89 -17.73
N GLY A 61 -23.50 2.36 -18.26
CA GLY A 61 -24.78 2.25 -17.56
C GLY A 61 -25.04 3.50 -16.77
N ARG A 62 -26.14 3.44 -16.02
CA ARG A 62 -26.64 4.52 -15.16
C ARG A 62 -26.60 3.98 -13.74
N HIS A 63 -26.10 4.80 -12.83
CA HIS A 63 -25.84 4.42 -11.42
C HIS A 63 -26.16 5.62 -10.55
N HIS A 64 -26.69 5.43 -9.34
CA HIS A 64 -26.92 6.55 -8.40
C HIS A 64 -26.60 6.11 -6.97
N TRP A 65 -26.22 7.09 -6.15
CA TRP A 65 -25.90 6.89 -4.72
C TRP A 65 -26.17 8.20 -4.02
N GLU A 66 -26.23 8.14 -2.68
CA GLU A 66 -26.58 9.32 -1.88
C GLU A 66 -25.46 9.60 -0.91
N VAL A 67 -25.29 10.89 -0.69
CA VAL A 67 -24.21 11.40 0.18
C VAL A 67 -24.84 12.37 1.17
N GLU A 68 -24.70 11.97 2.44
CA GLU A 68 -25.00 12.83 3.61
C GLU A 68 -23.87 13.84 3.76
N VAL A 69 -24.18 15.15 3.80
CA VAL A 69 -23.20 16.25 3.83
C VAL A 69 -23.26 17.02 5.15
N GLY A 70 -22.11 17.37 5.71
CA GLY A 70 -22.01 18.28 6.86
C GLY A 70 -22.47 19.70 6.53
N SER A 71 -22.90 20.44 7.56
CA SER A 71 -23.35 21.85 7.45
C SER A 71 -22.17 22.79 7.31
N LYS A 72 -21.02 22.42 7.87
CA LYS A 72 -19.82 23.31 7.89
C LYS A 72 -19.00 23.14 6.61
N ASP A 73 -18.26 24.19 6.26
CA ASP A 73 -17.46 24.33 5.02
C ASP A 73 -16.37 23.27 4.99
N GLY A 74 -15.90 22.91 3.80
CA GLY A 74 -14.69 22.07 3.70
C GLY A 74 -14.94 20.71 3.09
N TRP A 75 -15.94 20.55 2.24
CA TRP A 75 -16.08 19.24 1.53
C TRP A 75 -16.32 19.45 0.03
N ALA A 76 -16.03 18.43 -0.75
CA ALA A 76 -16.40 18.36 -2.16
C ALA A 76 -16.61 16.88 -2.50
N PHE A 77 -17.53 16.58 -3.39
CA PHE A 77 -17.78 15.19 -3.79
C PHE A 77 -18.43 15.13 -5.17
N GLY A 78 -18.29 13.99 -5.80
CA GLY A 78 -18.85 13.73 -7.13
C GLY A 78 -18.19 12.50 -7.69
N VAL A 79 -17.50 12.64 -8.81
CA VAL A 79 -16.82 11.50 -9.49
C VAL A 79 -15.47 11.96 -10.02
N ALA A 80 -14.58 10.98 -10.22
CA ALA A 80 -13.25 11.21 -10.81
C ALA A 80 -13.01 10.10 -11.84
N ARG A 81 -12.31 10.45 -12.93
CA ARG A 81 -11.80 9.42 -13.85
C ARG A 81 -10.70 8.65 -13.13
N GLU A 82 -10.57 7.38 -13.48
CA GLU A 82 -9.55 6.51 -12.86
C GLU A 82 -8.15 7.12 -12.93
N SER A 83 -7.79 7.81 -14.02
CA SER A 83 -6.43 8.38 -14.23
C SER A 83 -6.20 9.66 -13.40
N VAL A 84 -7.13 10.06 -12.54
CA VAL A 84 -6.87 11.23 -11.65
C VAL A 84 -5.52 10.99 -10.93
N ARG A 85 -4.65 11.99 -10.94
CA ARG A 85 -3.30 11.82 -10.34
C ARG A 85 -3.43 11.56 -8.84
N ARG A 86 -2.60 10.63 -8.34
CA ARG A 86 -2.62 10.20 -6.91
C ARG A 86 -1.48 10.89 -6.16
N LYS A 87 -0.33 11.03 -6.82
CA LYS A 87 0.92 11.52 -6.17
C LYS A 87 1.17 12.99 -6.56
N GLY A 88 1.45 13.83 -5.56
CA GLY A 88 1.72 15.25 -5.75
C GLY A 88 0.45 16.07 -5.55
N LEU A 89 0.61 17.37 -5.48
CA LEU A 89 -0.52 18.33 -5.36
C LEU A 89 -1.12 18.53 -6.74
N THR A 90 -2.35 18.12 -6.93
CA THR A 90 -3.04 18.19 -8.24
C THR A 90 -4.20 19.17 -8.11
N PRO A 91 -4.40 20.10 -9.06
CA PRO A 91 -5.58 20.97 -8.99
C PRO A 91 -6.88 20.15 -8.92
N PHE A 92 -7.87 20.68 -8.22
CA PHE A 92 -9.22 20.07 -8.12
C PHE A 92 -10.04 20.69 -9.26
N THR A 93 -9.93 20.17 -10.47
CA THR A 93 -10.59 20.78 -11.66
C THR A 93 -11.04 19.66 -12.59
N PRO A 94 -12.10 19.89 -13.39
CA PRO A 94 -12.50 18.97 -14.45
C PRO A 94 -11.36 18.54 -15.38
N GLU A 95 -10.46 19.45 -15.71
CA GLU A 95 -9.29 19.15 -16.60
C GLU A 95 -8.38 18.11 -15.94
N GLU A 96 -8.30 18.07 -14.59
CA GLU A 96 -7.50 17.10 -13.81
C GLU A 96 -8.39 15.90 -13.40
N GLY A 97 -9.62 15.83 -13.88
CA GLY A 97 -10.42 14.60 -13.91
C GLY A 97 -11.28 14.44 -12.67
N VAL A 98 -11.71 15.56 -12.09
CA VAL A 98 -12.70 15.57 -10.99
C VAL A 98 -13.88 16.46 -11.38
N TRP A 99 -15.08 15.98 -11.09
CA TRP A 99 -16.37 16.65 -11.37
C TRP A 99 -17.15 16.62 -10.06
N ALA A 100 -17.27 17.72 -9.36
CA ALA A 100 -17.75 17.72 -7.98
C ALA A 100 -18.53 19.01 -7.61
N LEU A 101 -19.39 18.86 -6.61
CA LEU A 101 -20.02 19.98 -5.85
C LEU A 101 -19.17 20.22 -4.63
N GLN A 102 -19.13 21.47 -4.17
CA GLN A 102 -18.33 21.79 -2.98
C GLN A 102 -19.12 22.78 -2.10
N LEU A 103 -18.81 22.76 -0.82
CA LEU A 103 -19.25 23.81 0.15
C LEU A 103 -18.02 24.50 0.68
N ASN A 104 -17.94 25.81 0.44
CA ASN A 104 -16.78 26.69 0.71
C ASN A 104 -17.32 28.10 1.00
N GLY A 105 -16.89 28.72 2.10
CA GLY A 105 -17.32 30.07 2.51
C GLY A 105 -18.84 30.19 2.55
N GLY A 106 -19.51 29.19 3.13
CA GLY A 106 -20.96 29.16 3.35
C GLY A 106 -21.75 29.12 2.06
N GLN A 107 -21.11 28.89 0.89
CA GLN A 107 -21.76 28.84 -0.44
C GLN A 107 -21.52 27.46 -1.06
N TYR A 108 -22.54 26.93 -1.74
CA TYR A 108 -22.43 25.71 -2.58
C TYR A 108 -22.02 26.09 -4.00
N TRP A 109 -21.14 25.27 -4.60
CA TRP A 109 -20.55 25.56 -5.94
C TRP A 109 -20.47 24.26 -6.73
N ALA A 110 -20.67 24.34 -8.04
CA ALA A 110 -20.18 23.33 -8.98
C ALA A 110 -18.73 23.70 -9.26
N VAL A 111 -17.80 22.75 -9.09
CA VAL A 111 -16.37 23.10 -9.30
C VAL A 111 -16.08 23.06 -10.80
N THR A 112 -16.50 24.08 -11.54
CA THR A 112 -16.15 24.34 -12.94
C THR A 112 -14.80 25.06 -12.98
N SER A 113 -14.10 25.02 -14.10
CA SER A 113 -12.81 25.73 -14.31
C SER A 113 -13.00 26.59 -15.56
N PRO A 114 -12.37 27.78 -15.67
CA PRO A 114 -11.43 28.29 -14.68
C PRO A 114 -12.08 29.03 -13.51
N GLU A 115 -13.38 29.27 -13.58
CA GLU A 115 -14.17 29.85 -12.47
C GLU A 115 -15.22 28.82 -12.04
N ARG A 116 -15.31 28.57 -10.73
CA ARG A 116 -16.38 27.76 -10.08
C ARG A 116 -17.71 28.47 -10.29
N SER A 117 -18.79 27.70 -10.34
CA SER A 117 -20.17 28.20 -10.57
C SER A 117 -20.95 28.16 -9.25
N PRO A 118 -21.33 29.35 -8.69
CA PRO A 118 -22.15 29.39 -7.49
C PRO A 118 -23.56 28.84 -7.76
N LEU A 119 -24.08 28.00 -6.86
CA LEU A 119 -25.47 27.48 -6.87
C LEU A 119 -26.30 28.26 -5.83
N SER A 120 -27.60 28.40 -6.05
CA SER A 120 -28.52 29.17 -5.16
C SER A 120 -29.58 28.19 -4.64
N CYS A 121 -29.15 27.00 -4.25
CA CYS A 121 -30.01 25.82 -4.02
C CYS A 121 -30.48 25.78 -2.56
N GLY A 122 -29.89 26.60 -1.69
CA GLY A 122 -30.17 26.61 -0.24
C GLY A 122 -29.64 25.35 0.45
N HIS A 123 -29.85 25.22 1.77
CA HIS A 123 -29.18 24.22 2.64
C HIS A 123 -29.32 22.80 2.08
N LEU A 124 -28.20 22.06 2.06
CA LEU A 124 -28.16 20.64 1.66
C LEU A 124 -27.83 19.77 2.88
N SER A 125 -28.52 18.65 2.94
CA SER A 125 -28.47 17.65 4.02
C SER A 125 -28.05 16.31 3.42
N ARG A 126 -28.76 15.88 2.36
CA ARG A 126 -28.39 14.66 1.59
C ARG A 126 -28.52 14.97 0.09
N VAL A 127 -27.64 14.38 -0.70
CA VAL A 127 -27.52 14.70 -2.16
C VAL A 127 -27.48 13.35 -2.88
N ARG A 128 -28.30 13.21 -3.91
CA ARG A 128 -28.22 12.05 -4.80
C ARG A 128 -27.27 12.41 -5.94
N VAL A 129 -26.35 11.52 -6.23
CA VAL A 129 -25.44 11.62 -7.39
C VAL A 129 -25.90 10.59 -8.42
N ALA A 130 -26.24 11.03 -9.61
CA ALA A 130 -26.66 10.14 -10.71
C ALA A 130 -25.62 10.25 -11.82
N LEU A 131 -24.98 9.12 -12.08
CA LEU A 131 -23.98 8.98 -13.14
C LEU A 131 -24.61 8.20 -14.30
N ASP A 132 -24.53 8.76 -15.49
CA ASP A 132 -25.12 8.19 -16.73
C ASP A 132 -23.98 8.18 -17.75
N LEU A 133 -23.39 7.02 -17.97
CA LEU A 133 -22.24 6.88 -18.86
C LEU A 133 -22.72 6.72 -20.32
N GLU A 134 -23.99 6.43 -20.57
CA GLU A 134 -24.54 6.42 -21.96
C GLU A 134 -24.70 7.87 -22.46
N VAL A 135 -25.32 8.69 -21.65
CA VAL A 135 -25.61 10.12 -21.97
C VAL A 135 -24.32 10.90 -21.78
N GLY A 136 -23.47 10.52 -20.80
CA GLY A 136 -22.26 11.27 -20.45
C GLY A 136 -22.59 12.42 -19.51
N ALA A 137 -23.12 12.11 -18.33
CA ALA A 137 -23.52 13.13 -17.36
C ALA A 137 -23.22 12.66 -15.95
N VAL A 138 -22.91 13.60 -15.07
CA VAL A 138 -23.04 13.34 -13.62
C VAL A 138 -23.89 14.48 -13.06
N SER A 139 -24.95 14.11 -12.40
CA SER A 139 -26.00 15.05 -11.96
C SER A 139 -26.14 14.94 -10.44
N PHE A 140 -26.51 16.06 -9.82
CA PHE A 140 -26.67 16.15 -8.36
C PHE A 140 -28.07 16.64 -8.06
N TYR A 141 -28.72 15.96 -7.13
CA TYR A 141 -30.09 16.36 -6.66
C TYR A 141 -30.16 16.48 -5.14
N ALA A 142 -30.91 17.48 -4.64
CA ALA A 142 -31.25 17.56 -3.21
C ALA A 142 -32.33 16.50 -2.92
N VAL A 143 -32.11 15.58 -1.97
CA VAL A 143 -32.98 14.37 -1.81
C VAL A 143 -34.40 14.78 -1.35
N GLU A 144 -34.56 15.80 -0.51
CA GLU A 144 -35.89 16.26 0.01
C GLU A 144 -36.96 16.18 -1.09
N ASP A 145 -36.76 16.98 -2.14
CA ASP A 145 -37.75 17.23 -3.21
C ASP A 145 -37.11 16.84 -4.55
N MET A 146 -35.95 16.17 -4.53
CA MET A 146 -35.24 15.73 -5.75
C MET A 146 -35.04 16.91 -6.70
N ARG A 147 -34.85 18.08 -6.15
CA ARG A 147 -34.56 19.31 -6.92
C ARG A 147 -33.21 19.15 -7.64
N HIS A 148 -33.15 19.44 -8.95
CA HIS A 148 -31.88 19.39 -9.70
C HIS A 148 -30.96 20.51 -9.19
N LEU A 149 -29.72 20.18 -8.84
CA LEU A 149 -28.73 21.19 -8.40
C LEU A 149 -27.80 21.56 -9.57
N TYR A 150 -27.18 20.58 -10.24
CA TYR A 150 -26.18 20.81 -11.31
C TYR A 150 -25.90 19.48 -12.01
N THR A 151 -25.62 19.54 -13.29
CA THR A 151 -25.15 18.42 -14.16
C THR A 151 -23.89 18.87 -14.89
N PHE A 152 -22.82 18.10 -14.77
CA PHE A 152 -21.65 18.16 -15.64
C PHE A 152 -21.87 17.20 -16.82
N ARG A 153 -21.57 17.68 -18.02
CA ARG A 153 -21.57 16.89 -19.25
C ARG A 153 -20.12 16.53 -19.57
N VAL A 154 -19.87 15.24 -19.68
CA VAL A 154 -18.51 14.72 -19.96
C VAL A 154 -18.64 13.53 -20.91
N ASN A 155 -17.80 13.47 -21.92
CA ASN A 155 -17.69 12.26 -22.76
C ASN A 155 -16.75 11.29 -22.02
N PHE A 156 -17.25 10.62 -20.99
CA PHE A 156 -16.44 9.73 -20.15
C PHE A 156 -15.91 8.58 -21.02
N GLN A 157 -14.59 8.44 -21.09
CA GLN A 157 -13.91 7.38 -21.91
C GLN A 157 -12.84 6.67 -21.07
N GLU A 158 -13.02 6.64 -19.74
CA GLU A 158 -12.34 5.68 -18.84
C GLU A 158 -13.27 5.40 -17.68
N ARG A 159 -12.92 4.47 -16.81
CA ARG A 159 -13.78 4.12 -15.66
C ARG A 159 -13.90 5.31 -14.72
N VAL A 160 -15.08 5.47 -14.17
CA VAL A 160 -15.43 6.64 -13.33
C VAL A 160 -15.70 6.13 -11.91
N PHE A 161 -15.08 6.75 -10.92
CA PHE A 161 -15.23 6.38 -9.50
C PHE A 161 -15.90 7.51 -8.75
N PRO A 162 -16.80 7.15 -7.81
CA PRO A 162 -17.26 8.09 -6.81
C PRO A 162 -16.04 8.69 -6.11
N LEU A 163 -16.11 10.00 -5.89
CA LEU A 163 -15.04 10.82 -5.31
C LEU A 163 -15.56 11.60 -4.13
N PHE A 164 -14.72 11.65 -3.08
CA PHE A 164 -14.97 12.41 -1.84
C PHE A 164 -13.67 13.13 -1.46
N SER A 165 -13.81 14.38 -1.02
CA SER A 165 -12.72 15.22 -0.51
C SER A 165 -13.20 16.02 0.71
N VAL A 166 -12.43 15.96 1.80
CA VAL A 166 -12.72 16.77 3.03
C VAL A 166 -11.44 17.50 3.43
N CME A 167 -11.50 18.84 3.34
CA CME A 167 -10.28 19.62 3.45
CB CME A 167 -9.94 20.32 2.16
SG CME A 167 -11.20 21.52 1.65
SD CME A 167 -12.60 20.34 0.59
CE CME A 167 -11.84 19.86 -0.99
CZ CME A 167 -12.16 20.55 -2.30
OH CME A 167 -12.96 21.72 -2.18
C CME A 167 -10.33 20.57 4.65
O CME A 167 -9.38 21.33 4.84
N SER A 168 -11.35 20.43 5.50
CA SER A 168 -11.45 21.12 6.77
C SER A 168 -11.91 20.15 7.87
N THR A 169 -11.41 20.30 9.09
CA THR A 169 -11.91 19.53 10.27
C THR A 169 -13.35 20.01 10.57
N GLY A 170 -14.20 19.21 11.18
CA GLY A 170 -15.52 19.72 11.63
C GLY A 170 -16.62 19.60 10.59
N THR A 171 -16.35 19.06 9.40
CA THR A 171 -17.41 18.65 8.44
C THR A 171 -17.14 17.21 8.05
N TYR A 172 -18.03 16.63 7.26
CA TYR A 172 -18.00 15.19 6.94
C TYR A 172 -18.79 14.93 5.67
N LEU A 173 -18.51 13.79 5.06
CA LEU A 173 -19.38 13.15 4.04
C LEU A 173 -19.66 11.73 4.49
N ARG A 174 -20.85 11.23 4.19
CA ARG A 174 -21.16 9.81 4.45
C ARG A 174 -22.06 9.26 3.34
N ILE A 175 -21.63 8.14 2.73
CA ILE A 175 -22.43 7.35 1.76
C ILE A 175 -23.68 6.88 2.52
N TRP A 176 -24.86 7.10 1.98
CA TRP A 176 -26.12 6.84 2.74
C TRP A 176 -26.90 5.71 2.09
N PRO A 177 -27.48 4.76 2.87
CA PRO A 177 -27.31 4.71 4.32
C PRO A 177 -26.00 4.03 4.77
N GLU B 6 2.65 -25.25 -1.91
CA GLU B 6 3.44 -23.97 -2.03
C GLU B 6 3.99 -23.54 -0.67
N LYS B 7 3.19 -23.64 0.42
CA LYS B 7 3.67 -23.39 1.81
C LYS B 7 4.78 -24.41 2.16
N VAL B 8 6.01 -23.96 2.40
CA VAL B 8 7.19 -24.87 2.62
C VAL B 8 7.60 -24.80 4.10
N GLU B 9 8.10 -25.91 4.65
CA GLU B 9 8.67 -26.00 6.03
C GLU B 9 10.18 -25.76 5.96
N LEU B 10 10.64 -24.61 6.40
CA LEU B 10 12.07 -24.23 6.29
C LEU B 10 12.79 -24.40 7.63
N THR B 11 14.06 -24.74 7.55
CA THR B 11 15.00 -24.61 8.67
C THR B 11 16.25 -23.90 8.17
N LEU B 12 16.88 -23.15 9.08
CA LEU B 12 18.17 -22.50 8.81
C LEU B 12 19.26 -23.55 8.63
N ASP B 13 20.23 -23.24 7.76
CA ASP B 13 21.30 -24.19 7.40
C ASP B 13 22.54 -23.80 8.20
N PRO B 14 22.90 -24.55 9.26
CA PRO B 14 24.02 -24.14 10.09
C PRO B 14 25.39 -24.10 9.40
N ASP B 15 25.57 -24.85 8.31
CA ASP B 15 26.80 -24.83 7.49
C ASP B 15 26.95 -23.44 6.83
N THR B 16 25.85 -22.69 6.68
CA THR B 16 25.94 -21.38 5.98
C THR B 16 26.13 -20.24 7.00
N ALA B 17 25.79 -20.45 8.27
CA ALA B 17 25.62 -19.33 9.22
C ALA B 17 26.96 -18.66 9.52
N ASN B 18 26.96 -17.34 9.41
CA ASN B 18 28.08 -16.48 9.84
C ASN B 18 28.37 -16.78 11.30
N PRO B 19 29.66 -16.93 11.71
CA PRO B 19 29.95 -17.32 13.09
C PRO B 19 29.49 -16.34 14.18
N ARG B 20 29.23 -15.08 13.87
CA ARG B 20 28.71 -14.13 14.87
C ARG B 20 27.23 -14.37 15.14
N LEU B 21 26.51 -15.10 14.26
CA LEU B 21 25.05 -15.24 14.46
C LEU B 21 24.84 -16.25 15.59
N ILE B 22 23.72 -16.10 16.27
CA ILE B 22 23.19 -17.11 17.22
C ILE B 22 21.90 -17.68 16.61
N LEU B 23 21.93 -18.94 16.19
CA LEU B 23 20.73 -19.65 15.67
C LEU B 23 20.01 -20.26 16.86
N SER B 24 18.70 -20.45 16.73
CA SER B 24 17.96 -21.30 17.70
C SER B 24 18.31 -22.78 17.45
N LEU B 25 18.19 -23.63 18.49
CA LEU B 25 18.45 -25.06 18.37
C LEU B 25 17.47 -25.73 17.39
N ASP B 26 16.24 -25.23 17.28
CA ASP B 26 15.24 -25.75 16.31
C ASP B 26 15.47 -25.15 14.92
N LEU B 27 16.51 -24.33 14.75
CA LEU B 27 16.92 -23.80 13.42
C LEU B 27 15.79 -23.01 12.77
N LYS B 28 15.06 -22.19 13.53
CA LYS B 28 14.03 -21.29 12.97
C LYS B 28 14.42 -19.85 13.23
N GLY B 29 15.10 -19.57 14.33
CA GLY B 29 15.34 -18.20 14.81
C GLY B 29 16.79 -17.80 14.61
N VAL B 30 17.05 -16.52 14.46
CA VAL B 30 18.44 -16.01 14.33
C VAL B 30 18.52 -14.63 14.96
N ARG B 31 19.58 -14.44 15.72
CA ARG B 31 19.96 -13.10 16.18
C ARG B 31 21.47 -12.96 16.05
N LEU B 32 21.95 -11.76 16.28
CA LEU B 32 23.41 -11.47 16.25
C LEU B 32 23.97 -11.64 17.66
N GLY B 33 25.04 -12.41 17.81
CA GLY B 33 25.76 -12.52 19.10
C GLY B 33 26.83 -11.46 19.24
N GLU B 34 27.47 -11.40 20.40
CA GLU B 34 28.54 -10.42 20.73
C GLU B 34 29.87 -10.92 20.18
N ARG B 35 30.00 -12.23 19.94
CA ARG B 35 31.31 -12.88 19.70
C ARG B 35 31.20 -13.94 18.60
N ALA B 36 32.25 -14.08 17.81
CA ALA B 36 32.36 -15.11 16.77
C ALA B 36 32.43 -16.46 17.49
N GLN B 37 31.57 -17.39 17.11
CA GLN B 37 31.69 -18.81 17.51
C GLN B 37 32.79 -19.50 16.72
N ASP B 38 33.30 -20.58 17.28
CA ASP B 38 34.37 -21.43 16.71
C ASP B 38 33.68 -22.52 15.92
N LEU B 39 33.21 -22.21 14.72
CA LEU B 39 32.45 -23.16 13.87
C LEU B 39 33.43 -23.80 12.90
N PRO B 40 33.13 -25.01 12.39
CA PRO B 40 34.01 -25.65 11.43
C PRO B 40 34.02 -24.87 10.10
N ASN B 41 35.17 -24.95 9.43
CA ASN B 41 35.34 -24.46 8.04
C ASN B 41 34.26 -25.10 7.21
N HIS B 42 33.61 -24.33 6.35
CA HIS B 42 32.66 -24.91 5.37
C HIS B 42 32.66 -23.99 4.18
N PRO B 43 32.75 -24.53 2.96
CA PRO B 43 32.73 -23.68 1.77
C PRO B 43 31.46 -22.85 1.65
N CME B 44 30.36 -23.31 2.23
CA CME B 44 29.09 -22.62 2.08
CB CME B 44 27.94 -23.55 2.05
SG CME B 44 28.16 -24.93 0.90
SD CME B 44 28.46 -24.04 -0.84
CE CME B 44 26.76 -23.67 -1.38
CZ CME B 44 25.90 -24.87 -1.66
OH CME B 44 24.51 -24.51 -1.73
C CME B 44 28.87 -21.53 3.14
O CME B 44 27.83 -20.86 3.08
N ARG B 45 29.80 -21.38 4.08
CA ARG B 45 29.58 -20.50 5.23
C ARG B 45 29.85 -19.06 4.85
N PHE B 46 28.93 -18.15 5.22
CA PHE B 46 29.22 -16.70 5.11
C PHE B 46 30.29 -16.34 6.13
N ASP B 47 31.51 -16.01 5.70
CA ASP B 47 32.58 -15.83 6.71
C ASP B 47 32.62 -14.41 7.28
N THR B 48 31.97 -13.44 6.66
CA THR B 48 32.12 -12.02 7.05
C THR B 48 30.76 -11.34 7.19
N ASN B 49 29.87 -11.50 6.22
CA ASN B 49 28.54 -10.85 6.29
C ASN B 49 27.64 -11.65 7.22
N THR B 50 26.70 -10.97 7.87
CA THR B 50 25.90 -11.56 8.98
C THR B 50 24.72 -12.37 8.44
N ARG B 51 24.99 -13.37 7.60
CA ARG B 51 23.96 -14.03 6.80
C ARG B 51 23.88 -15.53 7.15
N VAL B 52 22.69 -16.06 6.95
CA VAL B 52 22.41 -17.50 6.94
C VAL B 52 21.32 -17.74 5.89
N LEU B 53 21.33 -18.93 5.29
CA LEU B 53 20.31 -19.39 4.34
C LEU B 53 19.49 -20.48 5.01
N ALA B 54 18.31 -20.77 4.46
CA ALA B 54 17.59 -22.03 4.76
C ALA B 54 18.35 -23.16 4.09
N SER B 55 18.11 -24.41 4.51
CA SER B 55 18.79 -25.59 3.93
C SER B 55 18.18 -25.97 2.57
N CYS B 56 16.97 -25.55 2.27
CA CYS B 56 16.25 -25.86 0.99
CA CYS B 56 16.37 -25.88 0.95
C CYS B 56 16.40 -24.67 0.02
N GLY B 57 16.85 -24.91 -1.19
CA GLY B 57 16.76 -23.93 -2.29
C GLY B 57 15.78 -24.43 -3.33
N PHE B 58 15.23 -23.51 -4.12
CA PHE B 58 14.17 -23.79 -5.11
C PHE B 58 14.72 -23.50 -6.49
N SER B 59 14.47 -24.43 -7.43
CA SER B 59 14.84 -24.34 -8.87
C SER B 59 13.61 -24.08 -9.75
N SER B 60 12.40 -24.35 -9.29
CA SER B 60 11.16 -24.20 -10.09
C SER B 60 9.98 -24.04 -9.15
N GLY B 61 8.83 -23.58 -9.65
CA GLY B 61 7.55 -23.56 -8.92
C GLY B 61 7.39 -22.33 -8.07
N ARG B 62 6.31 -22.33 -7.32
CA ARG B 62 5.93 -21.24 -6.42
C ARG B 62 6.06 -21.81 -5.01
N HIS B 63 6.57 -21.01 -4.08
CA HIS B 63 6.82 -21.40 -2.69
C HIS B 63 6.62 -20.18 -1.82
N HIS B 64 6.11 -20.37 -0.61
CA HIS B 64 5.99 -19.26 0.34
C HIS B 64 6.30 -19.76 1.76
N TRP B 65 6.72 -18.83 2.61
CA TRP B 65 7.06 -19.08 4.04
C TRP B 65 6.80 -17.77 4.75
N GLU B 66 6.83 -17.79 6.08
CA GLU B 66 6.50 -16.60 6.87
C GLU B 66 7.68 -16.34 7.78
N VAL B 67 7.91 -15.06 8.03
CA VAL B 67 9.04 -14.60 8.87
C VAL B 67 8.48 -13.63 9.89
N GLU B 68 8.67 -14.00 11.16
CA GLU B 68 8.50 -13.08 12.32
C GLU B 68 9.70 -12.13 12.44
N VAL B 69 9.45 -10.82 12.56
CA VAL B 69 10.54 -9.80 12.48
C VAL B 69 10.54 -9.03 13.80
N GLY B 70 11.70 -8.66 14.33
CA GLY B 70 11.79 -7.81 15.53
C GLY B 70 11.43 -6.37 15.21
N SER B 71 11.10 -5.58 16.25
CA SER B 71 10.70 -4.16 16.08
C SER B 71 11.93 -3.26 16.02
N LYS B 72 13.06 -3.74 16.58
CA LYS B 72 14.34 -2.98 16.62
C LYS B 72 15.08 -3.12 15.29
N ASP B 73 15.82 -2.09 14.92
CA ASP B 73 16.64 -2.00 13.69
C ASP B 73 17.63 -3.17 13.62
N GLY B 74 18.03 -3.55 12.40
CA GLY B 74 19.22 -4.38 12.15
C GLY B 74 18.90 -5.77 11.62
N TRP B 75 17.86 -5.92 10.79
CA TRP B 75 17.62 -7.18 10.05
C TRP B 75 17.38 -6.89 8.57
N ALA B 76 17.56 -7.92 7.76
CA ALA B 76 17.10 -7.95 6.35
C ALA B 76 16.76 -9.40 6.01
N PHE B 77 15.75 -9.63 5.17
CA PHE B 77 15.48 -11.02 4.79
C PHE B 77 14.80 -11.04 3.43
N GLY B 78 14.89 -12.18 2.77
CA GLY B 78 14.36 -12.32 1.42
C GLY B 78 14.84 -13.61 0.80
N VAL B 79 15.53 -13.48 -0.32
CA VAL B 79 16.16 -14.65 -0.99
C VAL B 79 17.49 -14.23 -1.57
N ALA B 80 18.31 -15.22 -1.81
CA ALA B 80 19.64 -15.08 -2.40
C ALA B 80 19.77 -16.14 -3.49
N ARG B 81 20.39 -15.77 -4.59
CA ARG B 81 20.81 -16.81 -5.56
C ARG B 81 21.92 -17.63 -4.93
N GLU B 82 21.93 -18.92 -5.24
CA GLU B 82 22.95 -19.85 -4.69
C GLU B 82 24.38 -19.35 -4.87
N SER B 83 24.68 -18.66 -5.99
CA SER B 83 26.04 -18.17 -6.31
C SER B 83 26.43 -16.94 -5.49
N VAL B 84 25.59 -16.45 -4.59
CA VAL B 84 25.93 -15.30 -3.72
C VAL B 84 27.32 -15.56 -3.13
N ARG B 85 28.16 -14.54 -3.14
CA ARG B 85 29.55 -14.67 -2.65
C ARG B 85 29.51 -14.86 -1.13
N ARG B 86 30.13 -15.93 -0.63
CA ARG B 86 30.05 -16.31 0.80
C ARG B 86 31.29 -15.80 1.54
N LYS B 87 32.40 -15.62 0.81
CA LYS B 87 33.73 -15.35 1.43
C LYS B 87 34.12 -13.90 1.17
N GLY B 88 34.46 -13.19 2.23
CA GLY B 88 34.82 -11.77 2.22
C GLY B 88 33.62 -10.89 2.43
N LEU B 89 33.84 -9.58 2.45
CA LEU B 89 32.76 -8.61 2.62
C LEU B 89 32.08 -8.35 1.27
N THR B 90 30.79 -8.60 1.15
CA THR B 90 30.04 -8.56 -0.12
C THR B 90 28.93 -7.53 0.06
N PRO B 91 28.78 -6.53 -0.86
CA PRO B 91 27.66 -5.61 -0.81
C PRO B 91 26.31 -6.36 -0.76
N PHE B 92 25.40 -5.85 0.07
CA PHE B 92 24.02 -6.34 0.18
C PHE B 92 23.22 -5.64 -0.93
N THR B 93 23.27 -6.19 -2.13
CA THR B 93 22.64 -5.61 -3.34
C THR B 93 22.08 -6.69 -4.25
N PRO B 94 21.03 -6.37 -5.04
CA PRO B 94 20.53 -7.26 -6.07
C PRO B 94 21.63 -7.73 -7.02
N GLU B 95 22.58 -6.86 -7.36
CA GLU B 95 23.68 -7.18 -8.31
C GLU B 95 24.55 -8.28 -7.72
N GLU B 96 24.69 -8.30 -6.39
CA GLU B 96 25.46 -9.32 -5.65
C GLU B 96 24.55 -10.50 -5.25
N GLY B 97 23.29 -10.55 -5.72
CA GLY B 97 22.48 -11.79 -5.66
C GLY B 97 21.63 -11.88 -4.41
N VAL B 98 21.21 -10.76 -3.84
CA VAL B 98 20.32 -10.76 -2.66
C VAL B 98 19.15 -9.81 -2.93
N TRP B 99 17.96 -10.28 -2.63
CA TRP B 99 16.67 -9.56 -2.84
C TRP B 99 15.94 -9.56 -1.52
N ALA B 100 15.95 -8.43 -0.80
CA ALA B 100 15.48 -8.37 0.58
C ALA B 100 14.79 -7.05 0.92
N LEU B 101 14.01 -7.14 1.97
CA LEU B 101 13.55 -5.98 2.79
C LEU B 101 14.43 -5.89 4.03
N GLN B 102 14.55 -4.67 4.55
CA GLN B 102 15.51 -4.30 5.64
C GLN B 102 14.78 -3.33 6.57
N LEU B 103 15.01 -3.45 7.86
CA LEU B 103 14.66 -2.40 8.85
C LEU B 103 15.95 -1.77 9.34
N ASN B 104 16.14 -0.47 9.07
CA ASN B 104 17.35 0.32 9.39
C ASN B 104 16.91 1.76 9.64
N GLY B 105 17.40 2.38 10.71
CA GLY B 105 17.06 3.78 11.05
C GLY B 105 15.57 3.99 11.22
N GLY B 106 14.88 3.07 11.89
CA GLY B 106 13.44 3.11 12.19
C GLY B 106 12.54 2.99 10.97
N GLN B 107 13.09 2.60 9.80
CA GLN B 107 12.43 2.74 8.48
C GLN B 107 12.62 1.43 7.68
N TYR B 108 11.58 0.97 6.99
CA TYR B 108 11.65 -0.22 6.10
C TYR B 108 12.14 0.23 4.71
N TRP B 109 12.93 -0.62 4.06
CA TRP B 109 13.48 -0.35 2.72
C TRP B 109 13.40 -1.65 1.93
N ALA B 110 13.15 -1.55 0.64
CA ALA B 110 13.51 -2.59 -0.33
C ALA B 110 14.95 -2.32 -0.68
N VAL B 111 15.82 -3.30 -0.50
CA VAL B 111 17.24 -3.04 -0.76
C VAL B 111 17.47 -3.10 -2.28
N THR B 112 17.07 -2.04 -2.99
CA THR B 112 17.37 -1.79 -4.42
C THR B 112 18.73 -1.10 -4.50
N SER B 113 19.36 -1.08 -5.65
CA SER B 113 20.62 -0.32 -5.87
C SER B 113 20.62 0.18 -7.31
N PRO B 114 21.25 1.35 -7.61
CA PRO B 114 22.24 1.97 -6.74
C PRO B 114 21.72 2.60 -5.44
N GLU B 115 20.42 2.84 -5.37
CA GLU B 115 19.75 3.52 -4.24
C GLU B 115 18.67 2.58 -3.70
N ARG B 116 18.62 2.42 -2.37
CA ARG B 116 17.56 1.67 -1.66
C ARG B 116 16.27 2.46 -1.79
N SER B 117 15.14 1.76 -1.68
CA SER B 117 13.78 2.30 -1.85
C SER B 117 13.14 2.36 -0.49
N PRO B 118 12.86 3.56 0.08
CA PRO B 118 12.09 3.62 1.31
C PRO B 118 10.69 3.06 1.02
N LEU B 119 10.18 2.24 1.94
CA LEU B 119 8.76 1.85 2.02
C LEU B 119 8.21 2.54 3.25
N SER B 120 7.11 3.26 3.12
CA SER B 120 6.31 3.65 4.30
C SER B 120 5.14 2.68 4.31
N CYS B 121 5.44 1.43 4.67
CA CYS B 121 4.51 0.28 4.53
C CYS B 121 3.80 0.04 5.87
N GLY B 122 3.91 0.99 6.81
CA GLY B 122 3.46 0.83 8.21
C GLY B 122 4.25 -0.26 8.90
N HIS B 123 3.82 -0.68 10.09
CA HIS B 123 4.58 -1.57 11.02
C HIS B 123 4.41 -3.04 10.63
N LEU B 124 5.53 -3.76 10.55
CA LEU B 124 5.58 -5.22 10.22
C LEU B 124 5.88 -6.03 11.48
N SER B 125 5.17 -7.15 11.64
CA SER B 125 5.37 -8.16 12.70
C SER B 125 5.64 -9.54 12.10
N ARG B 126 4.77 -10.02 11.21
CA ARG B 126 5.00 -11.30 10.46
C ARG B 126 4.82 -11.00 8.97
N VAL B 127 5.74 -11.51 8.15
CA VAL B 127 5.84 -11.21 6.70
C VAL B 127 5.80 -12.53 5.95
N ARG B 128 4.90 -12.63 4.96
CA ARG B 128 4.89 -13.76 4.01
C ARG B 128 5.80 -13.42 2.83
N VAL B 129 6.71 -14.34 2.53
CA VAL B 129 7.58 -14.27 1.34
C VAL B 129 7.06 -15.26 0.31
N ALA B 130 6.75 -14.80 -0.89
CA ALA B 130 6.28 -15.68 -1.99
C ALA B 130 7.31 -15.67 -3.10
N LEU B 131 7.88 -16.82 -3.43
CA LEU B 131 8.88 -16.89 -4.50
C LEU B 131 8.26 -17.63 -5.67
N ASP B 132 8.30 -17.03 -6.83
CA ASP B 132 7.72 -17.61 -8.08
C ASP B 132 8.84 -17.66 -9.09
N LEU B 133 9.39 -18.86 -9.26
CA LEU B 133 10.51 -19.06 -10.19
C LEU B 133 10.00 -19.14 -11.64
N GLU B 134 8.72 -19.36 -11.86
CA GLU B 134 8.16 -19.46 -13.23
C GLU B 134 7.94 -18.03 -13.76
N VAL B 135 7.32 -17.19 -12.93
CA VAL B 135 7.06 -15.75 -13.22
C VAL B 135 8.34 -14.93 -13.07
N GLY B 136 9.20 -15.30 -12.10
CA GLY B 136 10.47 -14.59 -11.83
C GLY B 136 10.19 -13.41 -10.90
N ALA B 137 9.71 -13.70 -9.70
CA ALA B 137 9.29 -12.70 -8.71
C ALA B 137 9.61 -13.22 -7.30
N VAL B 138 9.91 -12.29 -6.41
CA VAL B 138 9.81 -12.49 -4.95
C VAL B 138 9.08 -11.30 -4.37
N SER B 139 8.03 -11.62 -3.63
CA SER B 139 6.99 -10.68 -3.16
C SER B 139 6.90 -10.81 -1.65
N PHE B 140 6.65 -9.68 -0.99
CA PHE B 140 6.48 -9.61 0.46
C PHE B 140 5.12 -9.01 0.78
N TYR B 141 4.44 -9.65 1.70
CA TYR B 141 3.10 -9.27 2.21
C TYR B 141 3.12 -9.22 3.74
N ALA B 142 2.55 -8.18 4.34
CA ALA B 142 2.27 -8.17 5.80
C ALA B 142 1.18 -9.23 6.01
N VAL B 143 1.29 -10.07 7.03
CA VAL B 143 0.39 -11.26 7.16
C VAL B 143 -0.98 -10.79 7.66
N GLU B 144 -1.02 -9.71 8.45
CA GLU B 144 -2.23 -9.26 9.19
C GLU B 144 -3.37 -8.99 8.19
N ASP B 145 -3.11 -8.32 7.07
CA ASP B 145 -4.14 -7.99 6.03
C ASP B 145 -3.70 -8.47 4.64
N MET B 146 -2.59 -9.21 4.51
CA MET B 146 -1.95 -9.58 3.22
C MET B 146 -1.72 -8.36 2.31
N ARG B 147 -1.46 -7.17 2.84
CA ARG B 147 -1.15 -6.03 1.93
C ARG B 147 0.20 -6.35 1.26
N HIS B 148 0.30 -6.12 -0.05
CA HIS B 148 1.57 -6.17 -0.82
C HIS B 148 2.49 -5.09 -0.29
N LEU B 149 3.72 -5.45 0.08
CA LEU B 149 4.75 -4.49 0.57
C LEU B 149 5.66 -4.14 -0.59
N TYR B 150 6.10 -5.15 -1.33
CA TYR B 150 7.11 -4.98 -2.39
C TYR B 150 7.24 -6.29 -3.17
N THR B 151 7.54 -6.13 -4.44
CA THR B 151 7.93 -7.26 -5.31
C THR B 151 9.20 -6.90 -6.06
N PHE B 152 10.18 -7.80 -6.00
CA PHE B 152 11.36 -7.73 -6.90
C PHE B 152 11.05 -8.61 -8.12
N ARG B 153 11.32 -8.10 -9.32
CA ARG B 153 11.26 -8.92 -10.54
C ARG B 153 12.67 -9.34 -10.92
N VAL B 154 12.86 -10.64 -11.05
CA VAL B 154 14.20 -11.20 -11.34
C VAL B 154 14.03 -12.36 -12.32
N ASN B 155 14.89 -12.40 -13.33
CA ASN B 155 15.05 -13.59 -14.20
C ASN B 155 15.94 -14.60 -13.46
N PHE B 156 15.42 -15.25 -12.43
CA PHE B 156 16.22 -16.21 -11.61
C PHE B 156 16.68 -17.33 -12.54
N GLN B 157 17.98 -17.60 -12.55
CA GLN B 157 18.61 -18.56 -13.50
C GLN B 157 19.37 -19.64 -12.73
N GLU B 158 19.06 -19.82 -11.46
CA GLU B 158 19.73 -20.84 -10.63
C GLU B 158 18.86 -21.03 -9.41
N ARG B 159 19.27 -21.91 -8.51
CA ARG B 159 18.56 -22.24 -7.27
C ARG B 159 18.53 -20.98 -6.41
N VAL B 160 17.40 -20.76 -5.78
CA VAL B 160 17.18 -19.55 -4.96
C VAL B 160 16.85 -19.98 -3.53
N PHE B 161 17.59 -19.44 -2.56
CA PHE B 161 17.45 -19.80 -1.14
C PHE B 161 16.82 -18.67 -0.35
N PRO B 162 15.96 -19.03 0.62
CA PRO B 162 15.53 -18.11 1.67
C PRO B 162 16.79 -17.56 2.35
N LEU B 163 16.82 -16.24 2.51
CA LEU B 163 17.95 -15.49 3.08
C LEU B 163 17.52 -14.73 4.33
N PHE B 164 18.39 -14.76 5.34
CA PHE B 164 18.23 -14.01 6.59
C PHE B 164 19.55 -13.33 6.97
N SER B 165 19.49 -12.07 7.39
CA SER B 165 20.66 -11.32 7.89
C SER B 165 20.28 -10.51 9.13
N VAL B 166 21.10 -10.61 10.18
CA VAL B 166 20.86 -9.82 11.42
C VAL B 166 22.19 -9.19 11.79
N CME B 167 22.22 -7.86 11.82
CA CME B 167 23.44 -7.09 11.94
CB CME B 167 23.71 -6.36 10.66
SG CME B 167 22.50 -5.12 10.17
SD CME B 167 21.07 -6.18 9.09
CE CME B 167 21.75 -6.54 7.44
CZ CME B 167 21.24 -5.81 6.23
OH CME B 167 20.67 -4.56 6.59
C CME B 167 23.44 -6.20 13.17
O CME B 167 24.40 -5.43 13.34
N SER B 168 22.45 -6.38 14.05
CA SER B 168 22.37 -5.69 15.33
CA SER B 168 22.38 -5.70 15.33
C SER B 168 21.95 -6.69 16.40
N THR B 169 22.55 -6.59 17.59
CA THR B 169 22.04 -7.34 18.75
C THR B 169 20.66 -6.70 19.05
N GLY B 170 19.78 -7.39 19.74
CA GLY B 170 18.52 -6.77 20.22
C GLY B 170 17.41 -6.75 19.17
N THR B 171 17.60 -7.41 18.03
CA THR B 171 16.50 -7.74 17.09
C THR B 171 16.65 -9.19 16.65
N TYR B 172 15.72 -9.69 15.86
CA TYR B 172 15.71 -11.12 15.47
C TYR B 172 14.80 -11.31 14.26
N LEU B 173 14.98 -12.47 13.63
CA LEU B 173 14.14 -13.00 12.55
C LEU B 173 13.80 -14.41 12.99
N ARG B 174 12.61 -14.86 12.70
CA ARG B 174 12.23 -16.25 12.99
C ARG B 174 11.28 -16.78 11.92
N ILE B 175 11.61 -17.95 11.39
CA ILE B 175 10.75 -18.71 10.43
C ILE B 175 9.50 -19.12 11.23
N TRP B 176 8.33 -18.88 10.67
CA TRP B 176 7.05 -19.12 11.40
C TRP B 176 6.29 -20.20 10.64
N PRO B 177 5.70 -21.22 11.30
CA PRO B 177 5.52 -21.26 12.75
C PRO B 177 6.68 -21.93 13.50
C1 MLI C . -8.65 19.24 -1.69
C2 MLI C . -8.57 18.41 -2.96
C3 MLI C . -7.35 19.37 -0.93
O6 MLI C . -9.13 17.28 -2.94
O7 MLI C . -7.93 18.91 -3.94
O8 MLI C . -7.25 20.32 -0.16
O9 MLI C . -6.47 18.51 -1.12
C1 BME D . -12.28 10.83 -20.06
C2 BME D . -13.01 12.10 -19.78
O1 BME D . -12.88 9.79 -19.31
S2 BME D . -11.94 13.35 -19.04
C1 MLI E . 24.77 -7.34 6.68
C2 MLI E . 24.82 -8.17 5.40
C3 MLI E . 26.12 -7.28 7.37
O6 MLI E . 24.24 -9.23 5.42
O7 MLI E . 25.46 -7.71 4.40
O8 MLI E . 26.31 -6.33 8.17
O9 MLI E . 26.97 -8.17 7.11
C1 BME F . 27.61 -3.59 12.16
C2 BME F . 26.46 -2.82 12.72
O1 BME F . 27.76 -4.90 12.65
S2 BME F . 25.21 -2.41 11.47
#